data_4HZA
#
_entry.id   4HZA
#
_cell.length_a   51.907
_cell.length_b   49.261
_cell.length_c   51.867
_cell.angle_alpha   90.000
_cell.angle_beta   116.980
_cell.angle_gamma   90.000
#
_symmetry.space_group_name_H-M   'P 1 21 1'
#
loop_
_entity.id
_entity.type
_entity.pdbx_description
1 polymer 'Poliovirus receptor-related protein 2'
2 water water
#
_entity_poly.entity_id   1
_entity_poly.type   'polypeptide(L)'
_entity_poly.pdbx_seq_one_letter_code
;MQDVRVQVLPEVRGQLGGTVELPCHLLPPVPGLYISLVTWQRPDAPANHQNVAAFHPKMGPSFPSPKPGSERLSFVSAKQ
STGQDTEAELQDATLALHGLTVEDEGNYTCEFATFPKGSVRGMTWLRV
;
_entity_poly.pdbx_strand_id   A,B
#
# COMPACT_ATOMS: atom_id res chain seq x y z
N MET A 1 11.61 0.64 16.94
CA MET A 1 10.44 1.48 16.68
C MET A 1 9.21 0.67 16.92
N GLN A 2 8.31 1.24 17.72
CA GLN A 2 6.95 0.75 17.93
C GLN A 2 6.26 0.45 16.58
N ASP A 3 5.51 -0.67 16.53
CA ASP A 3 4.65 -0.95 15.35
C ASP A 3 3.38 -0.08 15.34
N VAL A 4 2.86 0.17 14.14
CA VAL A 4 1.59 0.90 13.96
C VAL A 4 0.52 -0.05 13.41
N ARG A 5 -0.75 0.30 13.67
CA ARG A 5 -1.88 -0.51 13.19
C ARG A 5 -2.98 0.47 12.79
N VAL A 6 -3.88 -0.01 11.95
CA VAL A 6 -4.92 0.82 11.45
C VAL A 6 -6.15 0.58 12.32
N GLN A 7 -6.83 1.67 12.70
CA GLN A 7 -8.06 1.50 13.44
C GLN A 7 -9.23 1.97 12.61
N VAL A 8 -10.16 1.08 12.33
CA VAL A 8 -11.36 1.35 11.55
C VAL A 8 -12.49 0.64 12.29
N LEU A 9 -13.74 0.97 11.99
CA LEU A 9 -14.88 0.17 12.42
C LEU A 9 -15.11 -1.00 11.48
N PRO A 10 -15.54 -2.16 12.00
CA PRO A 10 -15.72 -3.26 11.09
C PRO A 10 -16.92 -3.06 10.21
N GLU A 11 -17.91 -2.30 10.69
CA GLU A 11 -19.08 -2.08 9.91
C GLU A 11 -19.54 -0.65 10.21
N VAL A 12 -19.99 0.08 9.20
CA VAL A 12 -20.59 1.40 9.39
C VAL A 12 -21.90 1.31 8.72
N ARG A 13 -22.96 1.75 9.41
CA ARG A 13 -24.25 1.85 8.78
C ARG A 13 -24.52 3.27 8.28
N GLY A 14 -24.80 3.36 7.00
CA GLY A 14 -24.96 4.68 6.37
C GLY A 14 -26.41 4.94 6.13
N GLN A 15 -26.79 6.22 6.16
CA GLN A 15 -28.17 6.49 5.83
C GLN A 15 -28.36 6.90 4.37
N LEU A 16 -29.20 6.21 3.62
CA LEU A 16 -29.31 6.54 2.17
C LEU A 16 -29.76 7.98 1.99
N GLY A 17 -29.16 8.68 1.03
CA GLY A 17 -29.51 10.07 0.71
C GLY A 17 -28.58 11.01 1.45
N GLY A 18 -28.01 10.54 2.54
CA GLY A 18 -27.22 11.38 3.41
C GLY A 18 -25.71 11.21 3.35
N THR A 19 -25.03 11.74 4.37
CA THR A 19 -23.57 11.62 4.40
C THR A 19 -23.14 10.57 5.41
N VAL A 20 -22.06 9.85 5.15
CA VAL A 20 -21.57 8.84 6.09
C VAL A 20 -20.06 8.97 6.18
N GLU A 21 -19.48 8.78 7.37
CA GLU A 21 -18.02 8.80 7.45
C GLU A 21 -17.51 7.43 7.71
N LEU A 22 -16.34 7.15 7.12
CA LEU A 22 -15.66 5.89 7.38
C LEU A 22 -14.40 6.24 8.17
N PRO A 23 -14.43 6.06 9.52
CA PRO A 23 -13.23 6.49 10.27
C PRO A 23 -12.07 5.55 9.98
N CYS A 24 -10.91 6.19 9.94
CA CYS A 24 -9.69 5.45 9.75
C CYS A 24 -8.58 6.22 10.42
N HIS A 25 -7.79 5.57 11.28
CA HIS A 25 -6.70 6.29 11.93
C HIS A 25 -5.51 5.36 12.01
N LEU A 26 -4.30 5.93 11.93
CA LEU A 26 -3.09 5.12 12.18
C LEU A 26 -2.63 5.37 13.60
N LEU A 27 -2.49 4.28 14.40
CA LEU A 27 -2.04 4.45 15.80
C LEU A 27 -0.94 3.51 16.22
N PRO A 28 -0.08 3.93 17.17
CA PRO A 28 0.01 5.23 17.79
C PRO A 28 0.86 6.17 16.92
N PRO A 29 0.90 7.48 17.24
CA PRO A 29 1.94 8.28 16.59
C PRO A 29 3.33 7.84 17.06
N VAL A 30 4.30 7.67 16.15
CA VAL A 30 5.55 7.02 16.45
C VAL A 30 6.62 7.95 15.86
N PRO A 31 7.60 8.44 16.69
CA PRO A 31 8.69 9.24 16.12
C PRO A 31 9.46 8.48 15.06
N GLY A 32 9.75 9.12 13.92
CA GLY A 32 10.59 8.46 12.95
C GLY A 32 9.74 7.68 11.95
N LEU A 33 8.42 7.76 12.10
N LEU A 33 8.42 7.73 12.10
CA LEU A 33 7.48 7.07 11.19
CA LEU A 33 7.51 7.03 11.18
C LEU A 33 6.86 8.09 10.28
C LEU A 33 6.82 8.04 10.29
N TYR A 34 6.99 7.87 8.97
CA TYR A 34 6.40 8.74 7.98
C TYR A 34 5.28 8.07 7.24
N ILE A 35 4.22 8.85 6.98
CA ILE A 35 3.15 8.32 6.15
C ILE A 35 3.40 8.88 4.79
N SER A 36 3.69 8.01 3.83
CA SER A 36 4.04 8.37 2.44
C SER A 36 2.79 8.52 1.59
N LEU A 37 1.73 7.77 1.91
CA LEU A 37 0.50 7.84 1.14
C LEU A 37 -0.61 7.19 1.98
N VAL A 38 -1.83 7.71 1.86
CA VAL A 38 -3.01 6.97 2.36
C VAL A 38 -3.84 6.60 1.15
N THR A 39 -4.47 5.42 1.15
CA THR A 39 -5.33 5.04 0.00
C THR A 39 -6.57 4.35 0.54
N TRP A 40 -7.69 4.62 -0.10
CA TRP A 40 -8.90 3.86 0.12
C TRP A 40 -9.23 3.03 -1.15
N GLN A 41 -9.63 1.75 -0.95
CA GLN A 41 -9.97 0.89 -2.09
C GLN A 41 -11.28 0.25 -1.82
N ARG A 42 -11.98 -0.09 -2.91
CA ARG A 42 -13.11 -1.00 -2.87
C ARG A 42 -12.62 -2.29 -3.52
N PRO A 43 -12.19 -3.24 -2.70
CA PRO A 43 -11.50 -4.40 -3.23
C PRO A 43 -12.41 -5.31 -4.11
N ASP A 44 -13.74 -5.21 -3.93
CA ASP A 44 -14.69 -5.90 -4.79
C ASP A 44 -15.11 -5.21 -6.05
N ALA A 45 -14.60 -4.02 -6.30
CA ALA A 45 -14.82 -3.38 -7.62
C ALA A 45 -13.97 -4.05 -8.73
N PRO A 46 -14.24 -3.75 -10.02
CA PRO A 46 -13.29 -4.22 -11.06
C PRO A 46 -11.97 -3.43 -10.84
N ALA A 47 -10.86 -3.99 -11.26
CA ALA A 47 -9.53 -3.38 -10.95
C ALA A 47 -9.45 -1.86 -11.25
N ASN A 48 -9.96 -1.42 -12.39
CA ASN A 48 -9.80 -0.01 -12.77
C ASN A 48 -10.71 0.96 -11.96
N HIS A 49 -11.53 0.40 -11.07
CA HIS A 49 -12.39 1.18 -10.18
C HIS A 49 -12.09 0.86 -8.68
N GLN A 50 -11.08 0.04 -8.42
CA GLN A 50 -10.74 -0.36 -7.00
C GLN A 50 -10.11 0.74 -6.16
N ASN A 51 -9.22 1.52 -6.76
CA ASN A 51 -8.71 2.70 -6.00
C ASN A 51 -9.68 3.84 -6.08
N VAL A 52 -10.22 4.21 -4.93
CA VAL A 52 -11.27 5.29 -4.93
C VAL A 52 -10.84 6.60 -4.34
N ALA A 53 -9.77 6.59 -3.57
CA ALA A 53 -9.31 7.85 -2.89
C ALA A 53 -7.87 7.70 -2.52
N ALA A 54 -7.03 8.73 -2.70
CA ALA A 54 -5.65 8.63 -2.24
C ALA A 54 -5.31 9.96 -1.69
N PHE A 55 -4.43 10.00 -0.70
CA PHE A 55 -3.98 11.33 -0.20
C PHE A 55 -2.44 11.36 -0.03
N HIS A 56 -1.75 12.31 -0.70
CA HIS A 56 -0.29 12.36 -0.70
C HIS A 56 0.10 13.56 0.22
N PRO A 57 1.15 13.38 1.04
CA PRO A 57 1.49 14.42 2.01
C PRO A 57 1.84 15.83 1.39
N LYS A 58 2.36 15.89 0.16
CA LYS A 58 2.63 17.14 -0.52
C LYS A 58 1.53 17.48 -1.49
N MET A 59 1.06 16.47 -2.23
CA MET A 59 0.17 16.69 -3.36
C MET A 59 -1.31 16.66 -3.03
N GLY A 60 -1.69 16.18 -1.86
CA GLY A 60 -3.12 16.26 -1.46
C GLY A 60 -3.95 15.14 -2.05
N PRO A 61 -5.23 15.39 -2.25
CA PRO A 61 -6.15 14.29 -2.62
C PRO A 61 -6.25 13.97 -4.11
N SER A 62 -6.60 12.72 -4.41
N SER A 62 -6.60 12.71 -4.36
CA SER A 62 -6.99 12.31 -5.75
CA SER A 62 -6.95 12.18 -5.67
C SER A 62 -8.11 11.26 -5.59
C SER A 62 -8.23 11.35 -5.47
N PHE A 63 -9.09 11.29 -6.47
CA PHE A 63 -10.23 10.39 -6.38
C PHE A 63 -10.29 9.79 -7.77
N PRO A 64 -9.53 8.67 -7.97
CA PRO A 64 -9.24 8.24 -9.34
C PRO A 64 -10.42 7.50 -10.00
N SER A 65 -11.39 7.01 -9.21
CA SER A 65 -12.47 6.14 -9.73
C SER A 65 -13.77 6.94 -9.95
N PRO A 66 -14.62 6.54 -10.91
CA PRO A 66 -15.99 7.11 -10.90
C PRO A 66 -16.93 6.62 -9.77
N LYS A 67 -16.54 5.64 -8.99
CA LYS A 67 -17.52 5.11 -8.08
C LYS A 67 -16.92 4.93 -6.68
N PRO A 68 -17.27 5.81 -5.74
CA PRO A 68 -18.29 6.90 -5.74
C PRO A 68 -17.97 8.18 -6.46
N GLY A 69 -16.68 8.39 -6.79
CA GLY A 69 -16.35 9.63 -7.49
C GLY A 69 -16.05 10.89 -6.67
N SER A 70 -15.34 11.80 -7.35
CA SER A 70 -14.69 12.96 -6.78
C SER A 70 -15.70 13.89 -6.08
N GLU A 71 -16.86 14.14 -6.70
CA GLU A 71 -17.78 15.14 -6.18
C GLU A 71 -18.43 14.72 -4.87
N ARG A 72 -18.49 13.42 -4.59
CA ARG A 72 -19.14 12.91 -3.42
C ARG A 72 -18.15 12.47 -2.34
N LEU A 73 -16.86 12.44 -2.62
CA LEU A 73 -15.87 12.00 -1.61
C LEU A 73 -15.07 13.14 -1.02
N SER A 74 -14.70 13.02 0.25
N SER A 74 -14.66 12.98 0.24
CA SER A 74 -13.76 13.94 0.88
CA SER A 74 -13.83 13.95 0.93
C SER A 74 -12.98 13.32 2.02
C SER A 74 -12.91 13.19 1.89
N PHE A 75 -11.74 13.75 2.17
CA PHE A 75 -10.95 13.37 3.34
C PHE A 75 -11.26 14.41 4.38
N VAL A 76 -11.89 13.95 5.48
CA VAL A 76 -12.41 14.87 6.46
C VAL A 76 -11.33 15.71 7.17
N SER A 77 -10.15 15.11 7.42
CA SER A 77 -9.10 15.70 8.23
C SER A 77 -7.70 15.64 7.71
N ALA A 78 -7.45 14.94 6.61
CA ALA A 78 -6.06 14.86 6.08
C ALA A 78 -5.55 16.23 5.60
N LYS A 79 -4.32 16.56 5.99
CA LYS A 79 -3.65 17.85 5.72
C LYS A 79 -2.35 17.63 5.03
N GLN A 80 -2.14 18.29 3.87
CA GLN A 80 -0.85 18.42 3.25
C GLN A 80 0.11 19.26 4.07
N SER A 81 1.41 19.00 3.93
CA SER A 81 2.43 19.96 4.38
C SER A 81 2.41 21.29 3.57
N THR A 86 5.16 22.38 7.45
CA THR A 86 6.32 21.47 7.39
C THR A 86 5.94 19.97 7.39
N GLU A 87 5.35 19.51 8.49
CA GLU A 87 4.91 18.13 8.59
C GLU A 87 3.43 18.02 8.18
N ALA A 88 3.15 17.23 7.14
CA ALA A 88 1.79 16.84 6.76
C ALA A 88 1.14 16.02 7.91
N GLU A 89 -0.21 16.00 8.02
CA GLU A 89 -0.85 15.14 9.04
C GLU A 89 -1.91 14.23 8.38
N LEU A 90 -1.50 13.00 8.20
CA LEU A 90 -2.24 11.99 7.50
C LEU A 90 -2.71 10.91 8.47
N GLN A 91 -2.47 11.04 9.78
CA GLN A 91 -2.88 9.96 10.73
C GLN A 91 -4.39 9.78 10.80
N ASP A 92 -5.18 10.84 10.52
CA ASP A 92 -6.60 10.63 10.37
C ASP A 92 -7.00 10.62 8.91
N ALA A 93 -7.37 9.44 8.42
CA ALA A 93 -7.60 9.24 6.99
C ALA A 93 -9.09 9.05 6.77
N THR A 94 -9.88 9.44 7.79
CA THR A 94 -11.31 9.28 7.72
C THR A 94 -11.86 9.83 6.42
N LEU A 95 -12.72 9.04 5.77
CA LEU A 95 -13.28 9.43 4.50
C LEU A 95 -14.78 9.75 4.64
N ALA A 96 -15.27 10.79 3.95
CA ALA A 96 -16.71 11.04 3.97
C ALA A 96 -17.30 10.81 2.60
N LEU A 97 -18.53 10.28 2.60
N LEU A 97 -18.43 10.11 2.55
CA LEU A 97 -19.27 9.97 1.38
CA LEU A 97 -19.22 10.02 1.32
C LEU A 97 -20.62 10.65 1.40
C LEU A 97 -20.51 10.81 1.52
N HIS A 98 -20.82 11.63 0.53
CA HIS A 98 -22.05 12.43 0.47
C HIS A 98 -23.06 11.84 -0.55
N GLY A 99 -24.36 12.14 -0.41
CA GLY A 99 -25.35 11.65 -1.33
C GLY A 99 -25.33 10.13 -1.39
N LEU A 100 -25.28 9.50 -0.21
CA LEU A 100 -25.06 8.02 -0.16
C LEU A 100 -26.14 7.27 -0.99
N THR A 101 -25.70 6.34 -1.84
CA THR A 101 -26.61 5.51 -2.69
C THR A 101 -26.40 4.05 -2.38
N VAL A 102 -27.32 3.19 -2.80
CA VAL A 102 -27.11 1.73 -2.57
C VAL A 102 -25.81 1.21 -3.24
N GLU A 103 -25.46 1.81 -4.38
CA GLU A 103 -24.29 1.40 -5.16
C GLU A 103 -23.00 1.71 -4.38
N ASP A 104 -23.07 2.57 -3.36
CA ASP A 104 -21.85 2.86 -2.54
C ASP A 104 -21.51 1.75 -1.53
N GLU A 105 -22.46 0.81 -1.32
CA GLU A 105 -22.32 -0.20 -0.23
C GLU A 105 -21.16 -1.13 -0.54
N GLY A 106 -20.66 -1.79 0.47
CA GLY A 106 -19.69 -2.86 0.28
C GLY A 106 -18.46 -2.62 1.10
N ASN A 107 -17.43 -3.45 0.88
CA ASN A 107 -16.20 -3.35 1.61
C ASN A 107 -15.32 -2.18 1.17
N TYR A 108 -14.70 -1.49 2.13
CA TYR A 108 -13.72 -0.43 1.82
C TYR A 108 -12.48 -0.70 2.62
N THR A 109 -11.28 -0.52 2.04
CA THR A 109 -10.06 -0.75 2.79
C THR A 109 -9.28 0.54 2.89
N CYS A 110 -8.79 0.88 4.09
CA CYS A 110 -8.03 2.07 4.31
C CYS A 110 -6.62 1.58 4.54
N GLU A 111 -5.66 2.10 3.77
CA GLU A 111 -4.27 1.60 3.87
C GLU A 111 -3.33 2.78 4.02
N PHE A 112 -2.38 2.67 4.97
CA PHE A 112 -1.31 3.65 5.12
C PHE A 112 -0.03 3.05 4.57
N ALA A 113 0.61 3.78 3.63
CA ALA A 113 1.92 3.31 3.09
C ALA A 113 2.93 4.04 3.94
N THR A 114 3.61 3.34 4.86
CA THR A 114 4.52 4.05 5.77
C THR A 114 5.93 3.65 5.63
N PHE A 115 6.85 4.53 6.06
CA PHE A 115 8.24 4.16 6.07
C PHE A 115 8.75 4.55 7.46
N PRO A 116 9.45 3.66 8.15
CA PRO A 116 10.01 2.40 7.60
C PRO A 116 9.14 1.16 7.76
N LYS A 117 7.93 1.28 8.31
CA LYS A 117 7.19 0.07 8.69
C LYS A 117 6.43 -0.64 7.55
N GLY A 118 6.28 0.06 6.44
CA GLY A 118 5.57 -0.54 5.28
C GLY A 118 4.07 -0.30 5.34
N SER A 119 3.29 -1.19 4.72
CA SER A 119 1.88 -0.83 4.43
C SER A 119 1.06 -1.52 5.45
N VAL A 120 0.08 -0.80 5.97
CA VAL A 120 -0.85 -1.43 6.96
C VAL A 120 -2.24 -1.01 6.58
N ARG A 121 -3.21 -1.89 6.79
CA ARG A 121 -4.55 -1.71 6.29
C ARG A 121 -5.61 -2.16 7.27
N GLY A 122 -6.78 -1.59 7.10
CA GLY A 122 -7.98 -2.03 7.83
C GLY A 122 -9.15 -2.08 6.90
N MET A 123 -10.16 -2.89 7.23
CA MET A 123 -11.33 -3.03 6.33
C MET A 123 -12.64 -2.69 7.01
N THR A 124 -13.49 -1.98 6.32
CA THR A 124 -14.83 -1.62 6.82
C THR A 124 -15.90 -2.02 5.87
N TRP A 125 -16.97 -2.60 6.40
CA TRP A 125 -18.15 -2.84 5.58
C TRP A 125 -19.14 -1.69 5.71
N LEU A 126 -19.32 -0.97 4.60
CA LEU A 126 -20.36 0.07 4.55
C LEU A 126 -21.69 -0.58 4.14
N ARG A 127 -22.62 -0.60 5.11
CA ARG A 127 -23.94 -1.20 4.98
C ARG A 127 -24.99 -0.12 4.86
N VAL A 128 -25.89 -0.26 3.90
CA VAL A 128 -27.01 0.68 3.80
C VAL A 128 -28.45 0.10 4.01
N MET B 1 -3.63 9.69 -18.51
CA MET B 1 -2.82 8.68 -17.78
C MET B 1 -3.41 7.26 -17.92
N GLN B 2 -2.61 6.37 -18.51
CA GLN B 2 -2.89 4.92 -18.55
C GLN B 2 -2.98 4.33 -17.13
N ASP B 3 -3.79 3.28 -17.00
CA ASP B 3 -3.88 2.46 -15.78
C ASP B 3 -2.67 1.54 -15.60
N VAL B 4 -2.30 1.35 -14.35
CA VAL B 4 -1.11 0.57 -14.09
C VAL B 4 -1.44 -0.72 -13.40
N ARG B 5 -0.51 -1.63 -13.51
CA ARG B 5 -0.63 -2.82 -12.71
C ARG B 5 0.76 -3.40 -12.49
N VAL B 6 0.82 -4.49 -11.77
CA VAL B 6 2.10 -5.00 -11.29
C VAL B 6 2.41 -6.28 -12.05
N GLN B 7 3.65 -6.37 -12.53
CA GLN B 7 4.11 -7.55 -13.26
C GLN B 7 5.01 -8.31 -12.32
N VAL B 8 4.60 -9.54 -12.06
CA VAL B 8 5.47 -10.47 -11.24
C VAL B 8 5.44 -11.87 -11.85
N LEU B 9 6.27 -12.81 -11.37
CA LEU B 9 6.11 -14.18 -11.80
C LEU B 9 5.12 -14.86 -10.87
N PRO B 10 4.24 -15.72 -11.42
CA PRO B 10 3.27 -16.39 -10.54
C PRO B 10 3.91 -17.23 -9.45
N GLU B 11 5.06 -17.82 -9.75
CA GLU B 11 5.71 -18.72 -8.85
C GLU B 11 7.19 -18.76 -9.14
N VAL B 12 7.99 -18.92 -8.08
N VAL B 12 8.01 -18.92 -8.12
CA VAL B 12 9.45 -18.94 -8.18
CA VAL B 12 9.39 -19.22 -8.42
C VAL B 12 9.94 -20.14 -7.36
C VAL B 12 9.71 -20.37 -7.54
N ARG B 13 10.78 -20.99 -7.94
CA ARG B 13 11.45 -22.06 -7.19
C ARG B 13 12.78 -21.54 -6.75
N GLY B 14 13.07 -21.65 -5.48
CA GLY B 14 14.30 -21.05 -4.95
C GLY B 14 15.34 -22.10 -4.50
N GLN B 15 16.65 -21.72 -4.54
CA GLN B 15 17.73 -22.63 -4.05
C GLN B 15 17.90 -22.47 -2.54
N LEU B 16 17.48 -23.43 -1.72
CA LEU B 16 17.82 -23.38 -0.29
C LEU B 16 19.30 -23.15 -0.04
N GLY B 17 19.65 -22.27 0.91
CA GLY B 17 20.99 -21.72 1.10
C GLY B 17 21.51 -20.69 0.13
N GLY B 18 20.79 -20.43 -0.96
CA GLY B 18 21.34 -19.62 -1.99
C GLY B 18 20.42 -18.42 -2.14
N THR B 19 20.55 -17.73 -3.25
CA THR B 19 19.75 -16.51 -3.48
C THR B 19 18.67 -16.75 -4.49
N VAL B 20 17.49 -16.20 -4.17
CA VAL B 20 16.45 -16.20 -5.19
C VAL B 20 15.99 -14.75 -5.42
N GLU B 21 15.60 -14.47 -6.64
CA GLU B 21 15.05 -13.13 -6.93
C GLU B 21 13.57 -13.26 -7.22
N LEU B 22 12.81 -12.30 -6.70
CA LEU B 22 11.40 -12.22 -6.98
C LEU B 22 11.23 -10.94 -7.80
N PRO B 23 11.02 -11.06 -9.13
CA PRO B 23 10.88 -9.88 -9.89
C PRO B 23 9.57 -9.10 -9.57
N CYS B 24 9.63 -7.77 -9.74
CA CYS B 24 8.44 -6.97 -9.61
C CYS B 24 8.63 -5.67 -10.33
N HIS B 25 7.73 -5.38 -11.26
CA HIS B 25 7.74 -4.12 -11.98
C HIS B 25 6.39 -3.47 -12.04
N LEU B 26 6.38 -2.14 -12.03
CA LEU B 26 5.16 -1.38 -12.22
C LEU B 26 5.09 -0.94 -13.71
N LEU B 27 4.02 -1.31 -14.40
CA LEU B 27 3.91 -1.18 -15.87
C LEU B 27 2.54 -0.68 -16.27
N PRO B 28 2.46 0.06 -17.41
CA PRO B 28 3.58 0.57 -18.21
C PRO B 28 4.22 1.75 -17.50
N PRO B 29 5.38 2.24 -17.99
CA PRO B 29 5.81 3.55 -17.49
C PRO B 29 4.79 4.64 -17.89
N VAL B 30 4.53 5.57 -16.97
CA VAL B 30 3.50 6.59 -17.13
C VAL B 30 4.06 7.91 -16.57
N PRO B 31 4.17 8.98 -17.39
CA PRO B 31 4.77 10.23 -16.87
C PRO B 31 3.76 10.95 -15.97
N GLY B 32 4.27 11.58 -14.91
CA GLY B 32 3.38 12.20 -13.93
C GLY B 32 2.84 11.21 -12.91
N LEU B 33 3.03 9.91 -13.13
CA LEU B 33 2.80 8.95 -12.04
C LEU B 33 3.92 8.94 -10.98
N TYR B 34 3.63 9.29 -9.70
N TYR B 34 3.57 9.21 -9.73
CA TYR B 34 4.65 9.30 -8.63
CA TYR B 34 4.52 9.26 -8.66
C TYR B 34 4.54 7.96 -7.90
C TYR B 34 4.49 7.92 -7.93
N ILE B 35 5.67 7.31 -7.70
CA ILE B 35 5.74 6.12 -6.88
C ILE B 35 6.20 6.54 -5.49
N SER B 36 5.26 6.50 -4.54
CA SER B 36 5.47 6.98 -3.18
C SER B 36 6.19 6.00 -2.34
N LEU B 37 5.91 4.72 -2.56
CA LEU B 37 6.57 3.66 -1.71
C LEU B 37 6.38 2.34 -2.44
N VAL B 38 7.34 1.44 -2.27
N VAL B 38 7.26 1.39 -2.23
CA VAL B 38 7.13 0.03 -2.64
CA VAL B 38 6.95 0.06 -2.72
C VAL B 38 7.19 -0.75 -1.37
C VAL B 38 7.27 -0.87 -1.59
N THR B 39 6.35 -1.78 -1.26
CA THR B 39 6.52 -2.70 -0.11
C THR B 39 6.33 -4.14 -0.57
N TRP B 40 7.06 -5.04 0.10
CA TRP B 40 6.86 -6.48 -0.05
C TRP B 40 6.29 -6.97 1.29
N GLN B 41 5.30 -7.84 1.18
CA GLN B 41 4.62 -8.42 2.39
C GLN B 41 4.47 -9.94 2.24
N ARG B 42 4.38 -10.67 3.36
CA ARG B 42 4.06 -12.10 3.41
C ARG B 42 2.66 -12.11 4.09
N PRO B 43 1.61 -12.15 3.31
CA PRO B 43 0.27 -11.94 3.92
C PRO B 43 -0.14 -13.02 4.88
N ASP B 44 0.52 -14.19 4.80
CA ASP B 44 0.27 -15.29 5.75
C ASP B 44 1.06 -15.22 7.04
N ALA B 45 2.01 -14.31 7.15
CA ALA B 45 2.75 -14.14 8.38
C ALA B 45 1.86 -13.44 9.45
N PRO B 46 2.25 -13.54 10.73
CA PRO B 46 1.69 -12.70 11.85
C PRO B 46 2.00 -11.19 11.69
N ALA B 47 1.06 -10.30 11.99
CA ALA B 47 1.18 -8.91 11.45
C ALA B 47 2.47 -8.16 11.78
N ASN B 48 3.16 -8.54 12.86
CA ASN B 48 4.48 -7.96 13.21
C ASN B 48 5.61 -8.34 12.21
N HIS B 49 5.37 -9.43 11.47
CA HIS B 49 6.29 -10.01 10.51
C HIS B 49 5.78 -9.98 9.05
N GLN B 50 4.61 -9.38 8.81
CA GLN B 50 4.08 -9.40 7.44
C GLN B 50 4.85 -8.49 6.50
N ASN B 51 5.22 -7.30 6.95
CA ASN B 51 5.96 -6.41 6.08
C ASN B 51 7.45 -6.78 6.11
N VAL B 52 8.00 -7.28 4.99
CA VAL B 52 9.41 -7.73 5.06
C VAL B 52 10.41 -6.76 4.43
N ALA B 53 9.93 -5.83 3.57
CA ALA B 53 10.87 -4.90 2.94
C ALA B 53 10.03 -3.73 2.45
N ALA B 54 10.65 -2.57 2.47
CA ALA B 54 10.00 -1.35 1.90
C ALA B 54 11.07 -0.47 1.25
N PHE B 55 10.66 0.37 0.31
CA PHE B 55 11.63 1.26 -0.33
C PHE B 55 10.97 2.58 -0.54
N HIS B 56 11.60 3.64 -0.03
CA HIS B 56 11.06 4.99 -0.17
C HIS B 56 11.98 5.80 -1.11
N PRO B 57 11.37 6.64 -1.97
CA PRO B 57 12.15 7.31 -2.99
C PRO B 57 13.27 8.21 -2.36
N LYS B 58 13.11 8.72 -1.13
CA LYS B 58 14.14 9.66 -0.55
C LYS B 58 14.83 8.98 0.57
N MET B 59 14.19 7.99 1.20
CA MET B 59 14.74 7.47 2.41
C MET B 59 15.47 6.11 2.27
N GLY B 60 15.33 5.54 1.08
CA GLY B 60 15.93 4.23 0.70
C GLY B 60 15.18 3.01 1.26
N PRO B 61 15.90 1.89 1.49
CA PRO B 61 15.26 0.63 1.90
C PRO B 61 15.06 0.48 3.41
N SER B 62 14.07 -0.32 3.77
N SER B 62 14.06 -0.32 3.75
CA SER B 62 13.96 -0.74 5.13
CA SER B 62 13.87 -0.74 5.10
C SER B 62 13.44 -2.19 5.13
C SER B 62 13.47 -2.21 5.09
N PHE B 63 13.71 -2.91 6.20
CA PHE B 63 13.32 -4.33 6.35
C PHE B 63 12.68 -4.50 7.68
N PRO B 64 11.38 -4.14 7.76
CA PRO B 64 10.80 -4.00 9.08
C PRO B 64 10.72 -5.29 9.93
N SER B 65 10.55 -6.45 9.32
CA SER B 65 10.48 -7.70 10.05
C SER B 65 11.89 -8.25 10.34
N PRO B 66 12.08 -8.85 11.53
CA PRO B 66 13.38 -9.56 11.75
C PRO B 66 13.60 -10.82 10.87
N LYS B 67 12.56 -11.28 10.18
CA LYS B 67 12.60 -12.51 9.38
C LYS B 67 11.96 -12.16 8.05
N PRO B 68 12.64 -12.43 6.90
CA PRO B 68 14.03 -12.87 6.71
C PRO B 68 15.05 -11.88 7.33
N GLY B 69 14.67 -10.59 7.38
CA GLY B 69 15.53 -9.54 7.97
C GLY B 69 16.41 -8.84 6.96
N SER B 70 17.02 -7.73 7.36
CA SER B 70 17.81 -6.95 6.42
C SER B 70 19.09 -7.65 6.00
N GLU B 71 19.63 -8.50 6.88
CA GLU B 71 20.88 -9.22 6.57
C GLU B 71 20.67 -10.16 5.37
N ARG B 72 19.41 -10.55 5.10
CA ARG B 72 19.18 -11.55 4.04
C ARG B 72 18.36 -10.99 2.88
N LEU B 73 17.92 -9.76 2.96
CA LEU B 73 17.05 -9.19 1.87
C LEU B 73 17.75 -7.98 1.26
N SER B 74 17.56 -7.79 -0.04
CA SER B 74 17.99 -6.55 -0.70
C SER B 74 17.11 -6.24 -1.86
N PHE B 75 16.93 -4.96 -2.16
CA PHE B 75 16.35 -4.55 -3.42
C PHE B 75 17.42 -4.56 -4.50
N VAL B 76 17.15 -5.28 -5.60
CA VAL B 76 18.22 -5.52 -6.60
C VAL B 76 18.52 -4.28 -7.39
N SER B 77 17.50 -3.51 -7.78
CA SER B 77 17.64 -2.35 -8.68
C SER B 77 17.05 -0.99 -8.22
N ALA B 78 16.19 -0.99 -7.20
CA ALA B 78 15.63 0.23 -6.68
C ALA B 78 16.73 1.20 -6.23
N LYS B 79 16.55 2.45 -6.61
CA LYS B 79 17.55 3.51 -6.22
C LYS B 79 16.87 4.68 -5.58
N GLN B 80 17.47 5.21 -4.53
CA GLN B 80 16.93 6.41 -3.86
C GLN B 80 17.54 7.62 -4.50
N SER B 81 16.77 8.72 -4.53
CA SER B 81 17.26 10.13 -4.81
C SER B 81 18.53 10.51 -4.04
N THR B 86 17.89 14.81 -6.76
CA THR B 86 18.08 13.64 -7.63
C THR B 86 16.84 12.71 -7.78
N GLU B 87 16.79 11.97 -8.91
CA GLU B 87 15.69 11.03 -9.31
C GLU B 87 15.73 9.59 -8.74
N ALA B 88 14.73 9.25 -7.93
CA ALA B 88 14.59 7.89 -7.42
C ALA B 88 14.14 7.01 -8.57
N GLU B 89 14.47 5.73 -8.56
CA GLU B 89 13.80 4.83 -9.49
C GLU B 89 13.32 3.62 -8.72
N LEU B 90 12.00 3.57 -8.64
CA LEU B 90 11.34 2.54 -7.87
C LEU B 90 10.51 1.61 -8.78
N GLN B 91 10.47 1.85 -10.08
CA GLN B 91 9.55 1.06 -10.93
C GLN B 91 9.96 -0.42 -11.01
N ASP B 92 11.21 -0.70 -10.68
CA ASP B 92 11.67 -2.11 -10.59
C ASP B 92 11.92 -2.35 -9.13
N ALA B 93 11.04 -3.14 -8.52
CA ALA B 93 11.04 -3.40 -7.08
C ALA B 93 11.54 -4.80 -6.78
N THR B 94 12.25 -5.40 -7.75
CA THR B 94 12.72 -6.82 -7.60
C THR B 94 13.46 -6.98 -6.30
N LEU B 95 13.15 -8.06 -5.56
CA LEU B 95 13.66 -8.31 -4.23
C LEU B 95 14.59 -9.53 -4.35
N ALA B 96 15.75 -9.50 -3.72
CA ALA B 96 16.63 -10.72 -3.61
C ALA B 96 16.58 -11.18 -2.17
N LEU B 97 16.23 -12.46 -1.95
N LEU B 97 16.40 -12.50 -1.99
CA LEU B 97 16.44 -13.15 -0.68
CA LEU B 97 16.38 -13.13 -0.69
C LEU B 97 17.73 -13.93 -0.78
C LEU B 97 17.56 -14.13 -0.62
N HIS B 98 18.50 -13.86 0.28
CA HIS B 98 19.80 -14.53 0.36
C HIS B 98 19.75 -15.53 1.47
N GLY B 99 20.64 -16.51 1.44
CA GLY B 99 20.57 -17.65 2.37
C GLY B 99 19.21 -18.24 2.58
N LEU B 100 18.47 -18.51 1.51
CA LEU B 100 17.13 -18.98 1.55
C LEU B 100 16.90 -20.17 2.56
N THR B 101 15.89 -20.04 3.39
CA THR B 101 15.52 -21.04 4.33
C THR B 101 14.12 -21.57 4.04
N VAL B 102 13.82 -22.74 4.58
N VAL B 102 13.79 -22.74 4.58
CA VAL B 102 12.50 -23.29 4.47
CA VAL B 102 12.45 -23.25 4.41
C VAL B 102 11.42 -22.31 5.02
C VAL B 102 11.38 -22.35 5.07
N GLU B 103 11.78 -21.57 6.07
CA GLU B 103 10.82 -20.66 6.72
C GLU B 103 10.44 -19.49 5.76
N ASP B 104 11.24 -19.27 4.71
CA ASP B 104 11.01 -18.15 3.78
C ASP B 104 9.98 -18.50 2.74
N GLU B 105 9.61 -19.76 2.62
CA GLU B 105 8.69 -20.19 1.53
C GLU B 105 7.26 -19.63 1.82
N GLY B 106 6.50 -19.43 0.75
CA GLY B 106 5.12 -19.04 0.87
C GLY B 106 4.79 -17.90 -0.05
N ASN B 107 3.66 -17.27 0.23
CA ASN B 107 3.15 -16.17 -0.60
C ASN B 107 3.89 -14.85 -0.29
N TYR B 108 4.22 -14.14 -1.37
CA TYR B 108 4.83 -12.78 -1.31
C TYR B 108 3.99 -11.80 -2.13
N THR B 109 3.74 -10.61 -1.59
CA THR B 109 3.01 -9.62 -2.38
C THR B 109 3.91 -8.41 -2.53
N CYS B 110 3.99 -7.91 -3.74
CA CYS B 110 4.76 -6.69 -4.07
C CYS B 110 3.71 -5.58 -4.32
N GLU B 111 3.83 -4.49 -3.62
CA GLU B 111 2.79 -3.41 -3.76
C GLU B 111 3.47 -2.07 -4.04
N PHE B 112 2.85 -1.27 -4.89
CA PHE B 112 3.30 0.08 -5.22
C PHE B 112 2.20 1.02 -4.74
N ALA B 113 2.60 1.99 -3.91
CA ALA B 113 1.67 3.07 -3.48
C ALA B 113 1.97 4.24 -4.38
N THR B 114 1.02 4.63 -5.21
CA THR B 114 1.32 5.63 -6.25
C THR B 114 0.30 6.72 -6.12
N PHE B 115 0.68 7.82 -6.72
CA PHE B 115 -0.26 8.99 -6.75
C PHE B 115 -0.25 9.53 -8.19
N PRO B 116 -1.40 9.82 -8.77
CA PRO B 116 -2.75 9.87 -8.28
C PRO B 116 -3.49 8.56 -8.32
N LYS B 117 -2.87 7.47 -8.82
N LYS B 117 -2.87 7.48 -8.84
CA LYS B 117 -3.68 6.30 -9.14
CA LYS B 117 -3.61 6.26 -9.14
C LYS B 117 -3.97 5.35 -7.96
C LYS B 117 -4.01 5.42 -7.92
N GLY B 118 -3.20 5.44 -6.88
CA GLY B 118 -3.42 4.63 -5.66
C GLY B 118 -2.48 3.42 -5.59
N SER B 119 -2.94 2.37 -4.96
CA SER B 119 -2.08 1.19 -4.70
C SER B 119 -2.42 0.05 -5.61
N VAL B 120 -1.37 -0.66 -6.02
CA VAL B 120 -1.61 -1.85 -6.86
C VAL B 120 -0.61 -2.89 -6.39
N ARG B 121 -1.00 -4.15 -6.48
N ARG B 121 -0.97 -4.14 -6.64
CA ARG B 121 -0.18 -5.22 -5.92
CA ARG B 121 -0.22 -5.26 -6.12
C ARG B 121 -0.23 -6.47 -6.77
C ARG B 121 -0.07 -6.35 -7.12
N GLY B 122 0.91 -7.18 -6.84
CA GLY B 122 0.96 -8.49 -7.54
C GLY B 122 1.52 -9.52 -6.55
N MET B 123 1.17 -10.77 -6.77
N MET B 123 1.24 -10.76 -6.87
CA MET B 123 1.58 -11.82 -5.83
CA MET B 123 1.52 -11.87 -5.97
C MET B 123 2.43 -12.93 -6.48
C MET B 123 2.46 -12.95 -6.54
N THR B 124 3.44 -13.40 -5.73
CA THR B 124 4.34 -14.50 -6.18
C THR B 124 4.43 -15.58 -5.11
N TRP B 125 4.32 -16.85 -5.52
CA TRP B 125 4.49 -17.95 -4.59
C TRP B 125 5.91 -18.44 -4.69
N LEU B 126 6.63 -18.45 -3.56
CA LEU B 126 7.99 -18.90 -3.47
C LEU B 126 7.97 -20.35 -2.92
N ARG B 127 8.46 -21.26 -3.75
CA ARG B 127 8.60 -22.65 -3.31
C ARG B 127 10.03 -23.18 -3.45
N VAL B 128 10.25 -24.41 -2.96
CA VAL B 128 11.55 -25.08 -3.16
C VAL B 128 11.30 -26.39 -3.96
#